data_5DJR
#
_entry.id   5DJR
#
_cell.length_a   111.320
_cell.length_b   111.320
_cell.length_c   77.310
_cell.angle_alpha   90.000
_cell.angle_beta   90.000
_cell.angle_gamma   90.000
#
_symmetry.space_group_name_H-M   'P 41 21 2'
#
loop_
_entity.id
_entity.type
_entity.pdbx_description
1 polymer 'Farnesyl pyrophosphate synthase'
2 non-polymer GLYCEROL
3 non-polymer "1H,1'H-4,4'-biindole-2-carboxylic acid"
4 non-polymer 'PHOSPHATE ION'
5 water water
#
_entity_poly.entity_id   1
_entity_poly.type   'polypeptide(L)'
_entity_poly.pdbx_seq_one_letter_code
;GPNSDVYAQEKQDFVQHFSQIVRVLTEDEMGHPEIGDAIARLKEVLEYNAIGGKYNRGLTVVVAFRELVEPRKQDADSLQ
RAWTVGWCVELLQAFFLVADDIMDSSLTRRGQICWYQKPGVGLDAINDANLLEACIYRLLKLYCREQPYYLNLIELFLQS
SYQTEIGQTLDLLTAPQGNVDLVRFTEKRYKSIVKYKTAFYSFYLPIAAAMYMAGIDGEKEHANAKKILLEMGEFFQIQD
DYLDLFGDPSVTGKIGTDIQDNKCSWLVVQCLQRATPEQYQILKENYGQKEAEKVARVKALYEELDLPAVFLQYEEDSYS
HIMALIEQYAAPLPPAVFLGLARKIYKRRK
;
_entity_poly.pdbx_strand_id   F
#
# COMPACT_ATOMS: atom_id res chain seq x y z
N VAL A 6 8.99 -17.80 2.90
CA VAL A 6 8.28 -17.51 4.17
C VAL A 6 6.81 -17.10 3.92
N TYR A 7 6.58 -16.33 2.82
CA TYR A 7 5.28 -15.80 2.35
C TYR A 7 4.47 -16.82 1.58
N ALA A 8 5.11 -17.55 0.62
CA ALA A 8 4.48 -18.55 -0.24
C ALA A 8 3.87 -19.72 0.52
N GLN A 9 4.52 -20.13 1.64
CA GLN A 9 4.05 -21.21 2.51
C GLN A 9 2.75 -20.76 3.19
N GLU A 10 2.89 -19.69 4.01
CA GLU A 10 1.87 -19.06 4.82
C GLU A 10 0.64 -18.53 4.08
N LYS A 11 0.80 -18.13 2.79
CA LYS A 11 -0.28 -17.55 1.95
C LYS A 11 -1.62 -18.29 2.07
N GLN A 12 -1.58 -19.63 1.97
CA GLN A 12 -2.69 -20.57 2.03
C GLN A 12 -3.48 -20.43 3.34
N ASP A 13 -2.79 -20.56 4.52
CA ASP A 13 -3.40 -20.43 5.86
C ASP A 13 -4.00 -19.04 6.06
N PHE A 14 -3.33 -18.00 5.51
CA PHE A 14 -3.76 -16.62 5.57
C PHE A 14 -5.04 -16.44 4.78
N VAL A 15 -5.07 -16.86 3.50
CA VAL A 15 -6.25 -16.75 2.61
C VAL A 15 -7.43 -17.62 3.13
N GLN A 16 -7.14 -18.79 3.70
CA GLN A 16 -8.14 -19.70 4.27
C GLN A 16 -8.83 -19.05 5.48
N HIS A 17 -8.13 -18.15 6.21
CA HIS A 17 -8.69 -17.46 7.37
C HIS A 17 -9.77 -16.40 7.00
N PHE A 18 -9.81 -15.93 5.72
CA PHE A 18 -10.81 -14.95 5.28
C PHE A 18 -12.25 -15.40 5.51
N SER A 19 -12.53 -16.70 5.32
CA SER A 19 -13.88 -17.26 5.50
C SER A 19 -14.34 -17.13 6.96
N GLN A 20 -13.40 -17.28 7.93
CA GLN A 20 -13.66 -17.11 9.35
C GLN A 20 -13.95 -15.62 9.62
N ILE A 21 -13.08 -14.72 9.09
CA ILE A 21 -13.17 -13.24 9.16
C ILE A 21 -14.58 -12.84 8.73
N VAL A 22 -15.04 -13.32 7.57
CA VAL A 22 -16.38 -13.04 7.04
C VAL A 22 -17.49 -13.57 7.98
N ARG A 23 -17.43 -14.85 8.37
CA ARG A 23 -18.38 -15.49 9.26
C ARG A 23 -18.56 -14.63 10.53
N VAL A 24 -17.43 -14.32 11.21
CA VAL A 24 -17.36 -13.53 12.45
C VAL A 24 -17.93 -12.10 12.28
N LEU A 25 -17.73 -11.48 11.10
CA LEU A 25 -18.22 -10.15 10.80
C LEU A 25 -19.69 -10.11 10.41
N THR A 26 -20.20 -11.21 9.87
CA THR A 26 -21.59 -11.33 9.45
C THR A 26 -22.44 -12.05 10.51
N GLU A 27 -21.82 -12.37 11.67
CA GLU A 27 -22.49 -13.02 12.78
C GLU A 27 -23.31 -12.02 13.63
N ASP A 28 -23.22 -10.69 13.31
CA ASP A 28 -23.94 -9.55 13.90
C ASP A 28 -25.47 -9.75 13.69
N GLU A 29 -25.83 -10.34 12.52
CA GLU A 29 -27.15 -10.70 12.02
C GLU A 29 -27.89 -11.69 12.95
N MET A 30 -27.14 -12.52 13.72
CA MET A 30 -27.67 -13.53 14.65
C MET A 30 -28.51 -12.89 15.77
N GLY A 31 -27.95 -11.89 16.45
CA GLY A 31 -28.59 -11.15 17.54
C GLY A 31 -29.56 -10.09 17.06
N HIS A 32 -29.34 -9.55 15.85
CA HIS A 32 -30.15 -8.52 15.22
C HIS A 32 -30.52 -8.85 13.75
N PRO A 33 -31.67 -9.53 13.51
CA PRO A 33 -32.05 -9.86 12.11
C PRO A 33 -32.70 -8.70 11.34
N GLU A 34 -32.92 -7.58 12.03
CA GLU A 34 -33.46 -6.33 11.49
C GLU A 34 -32.49 -5.75 10.43
N ILE A 35 -31.17 -5.86 10.70
CA ILE A 35 -30.10 -5.37 9.86
C ILE A 35 -29.52 -6.43 8.90
N GLY A 36 -30.20 -7.57 8.75
CA GLY A 36 -29.79 -8.67 7.88
C GLY A 36 -29.40 -8.29 6.46
N ASP A 37 -30.22 -7.45 5.80
CA ASP A 37 -30.00 -6.95 4.44
C ASP A 37 -28.70 -6.16 4.36
N ALA A 38 -28.44 -5.30 5.36
CA ALA A 38 -27.21 -4.50 5.50
C ALA A 38 -26.00 -5.43 5.65
N ILE A 39 -26.16 -6.51 6.45
CA ILE A 39 -25.11 -7.46 6.70
C ILE A 39 -24.82 -8.29 5.44
N ALA A 40 -25.88 -8.62 4.68
CA ALA A 40 -25.75 -9.34 3.41
C ALA A 40 -24.89 -8.48 2.45
N ARG A 41 -25.17 -7.18 2.36
CA ARG A 41 -24.42 -6.20 1.56
C ARG A 41 -22.96 -6.10 2.05
N LEU A 42 -22.73 -6.05 3.37
CA LEU A 42 -21.37 -6.01 3.92
C LEU A 42 -20.54 -7.23 3.50
N LYS A 43 -21.18 -8.41 3.44
CA LYS A 43 -20.54 -9.66 3.02
C LYS A 43 -20.04 -9.55 1.54
N GLU A 44 -20.89 -8.99 0.63
CA GLU A 44 -20.58 -8.75 -0.78
C GLU A 44 -19.37 -7.82 -0.94
N VAL A 45 -19.36 -6.69 -0.18
CA VAL A 45 -18.31 -5.67 -0.16
C VAL A 45 -16.94 -6.30 0.26
N LEU A 46 -16.94 -7.08 1.35
CA LEU A 46 -15.76 -7.79 1.85
C LEU A 46 -15.26 -8.78 0.81
N GLU A 47 -16.17 -9.61 0.27
CA GLU A 47 -15.82 -10.64 -0.69
C GLU A 47 -15.31 -10.11 -2.03
N TYR A 48 -15.80 -8.95 -2.50
CA TYR A 48 -15.37 -8.38 -3.77
C TYR A 48 -14.04 -7.58 -3.66
N ASN A 49 -13.90 -6.81 -2.57
CA ASN A 49 -12.84 -5.85 -2.39
C ASN A 49 -11.61 -6.31 -1.60
N ALA A 50 -11.76 -7.29 -0.69
CA ALA A 50 -10.65 -7.79 0.11
C ALA A 50 -9.96 -9.04 -0.50
N ILE A 51 -10.57 -9.61 -1.55
CA ILE A 51 -10.05 -10.78 -2.25
C ILE A 51 -9.59 -10.43 -3.64
N GLY A 52 -8.54 -11.11 -4.13
CA GLY A 52 -8.03 -10.95 -5.50
C GLY A 52 -6.68 -10.27 -5.68
N GLY A 53 -6.11 -9.78 -4.58
CA GLY A 53 -4.79 -9.15 -4.54
C GLY A 53 -3.71 -10.14 -4.18
N LYS A 54 -2.48 -9.67 -3.94
CA LYS A 54 -1.34 -10.53 -3.57
C LYS A 54 -1.25 -10.86 -2.07
N TYR A 55 -1.92 -10.05 -1.20
CA TYR A 55 -2.00 -10.18 0.28
C TYR A 55 -0.67 -9.93 0.97
N ASN A 56 0.28 -9.30 0.27
CA ASN A 56 1.63 -9.06 0.77
C ASN A 56 1.71 -8.27 2.07
N ARG A 57 0.93 -7.22 2.21
CA ARG A 57 0.89 -6.37 3.39
C ARG A 57 0.36 -7.10 4.61
N GLY A 58 -0.75 -7.84 4.43
CA GLY A 58 -1.34 -8.67 5.47
C GLY A 58 -0.46 -9.83 5.87
N LEU A 59 0.24 -10.44 4.88
CA LEU A 59 1.16 -11.55 5.11
C LEU A 59 2.38 -11.14 5.89
N THR A 60 2.84 -9.87 5.72
CA THR A 60 3.98 -9.27 6.44
C THR A 60 3.76 -9.34 7.96
N VAL A 61 2.48 -9.14 8.41
CA VAL A 61 2.06 -9.23 9.82
C VAL A 61 2.33 -10.62 10.32
N VAL A 62 1.89 -11.65 9.57
CA VAL A 62 2.03 -13.06 9.98
C VAL A 62 3.50 -13.50 10.00
N VAL A 63 4.24 -13.21 8.91
CA VAL A 63 5.67 -13.50 8.76
C VAL A 63 6.46 -12.81 9.88
N ALA A 64 6.24 -11.49 10.10
CA ALA A 64 6.97 -10.81 11.15
C ALA A 64 6.61 -11.34 12.55
N PHE A 65 5.33 -11.70 12.79
CA PHE A 65 4.92 -12.26 14.08
C PHE A 65 5.70 -13.57 14.38
N ARG A 66 5.87 -14.42 13.37
CA ARG A 66 6.56 -15.70 13.48
C ARG A 66 8.05 -15.50 13.77
N GLU A 67 8.66 -14.45 13.21
CA GLU A 67 10.08 -14.14 13.43
C GLU A 67 10.37 -13.35 14.72
N LEU A 68 9.36 -12.66 15.29
CA LEU A 68 9.53 -11.84 16.51
C LEU A 68 9.12 -12.53 17.81
N VAL A 69 8.22 -13.52 17.71
CA VAL A 69 7.70 -14.23 18.87
C VAL A 69 8.33 -15.62 18.99
N GLU A 70 8.65 -16.03 20.25
CA GLU A 70 9.18 -17.35 20.61
C GLU A 70 8.21 -18.41 20.06
N PRO A 71 8.69 -19.52 19.44
CA PRO A 71 7.76 -20.51 18.86
C PRO A 71 6.83 -21.19 19.88
N ARG A 72 7.26 -21.23 21.16
CA ARG A 72 6.55 -21.81 22.29
C ARG A 72 5.37 -20.90 22.69
N LYS A 73 5.43 -19.60 22.33
CA LYS A 73 4.39 -18.60 22.59
C LYS A 73 3.47 -18.46 21.37
N GLN A 74 3.75 -19.24 20.30
CA GLN A 74 2.95 -19.22 19.07
C GLN A 74 1.90 -20.34 19.14
N ASP A 75 0.97 -20.24 20.09
CA ASP A 75 -0.13 -21.17 20.25
C ASP A 75 -1.23 -20.87 19.19
N ALA A 76 -2.22 -21.77 19.06
CA ALA A 76 -3.35 -21.69 18.14
C ALA A 76 -4.02 -20.29 18.10
N ASP A 77 -4.26 -19.69 19.29
CA ASP A 77 -4.88 -18.38 19.44
C ASP A 77 -3.98 -17.21 19.05
N SER A 78 -2.65 -17.30 19.33
CA SER A 78 -1.67 -16.25 18.99
C SER A 78 -1.56 -16.06 17.46
N LEU A 79 -1.63 -17.19 16.73
CA LEU A 79 -1.60 -17.24 15.27
C LEU A 79 -2.94 -16.81 14.70
N GLN A 80 -4.05 -17.14 15.38
CA GLN A 80 -5.40 -16.72 14.99
C GLN A 80 -5.47 -15.19 15.00
N ARG A 81 -4.93 -14.54 16.06
CA ARG A 81 -4.90 -13.08 16.16
C ARG A 81 -3.97 -12.45 15.09
N ALA A 82 -2.82 -13.08 14.80
CA ALA A 82 -1.86 -12.64 13.78
C ALA A 82 -2.52 -12.59 12.40
N TRP A 83 -3.29 -13.66 12.02
CA TRP A 83 -4.04 -13.79 10.76
C TRP A 83 -5.13 -12.70 10.68
N THR A 84 -5.80 -12.42 11.81
CA THR A 84 -6.83 -11.38 11.87
C THR A 84 -6.21 -10.00 11.65
N VAL A 85 -5.10 -9.70 12.37
CA VAL A 85 -4.41 -8.40 12.25
C VAL A 85 -3.89 -8.22 10.82
N GLY A 86 -3.43 -9.33 10.20
CA GLY A 86 -3.04 -9.33 8.79
C GLY A 86 -4.23 -8.95 7.92
N TRP A 87 -5.40 -9.58 8.16
CA TRP A 87 -6.61 -9.25 7.42
C TRP A 87 -7.07 -7.80 7.65
N CYS A 88 -6.82 -7.23 8.86
CA CYS A 88 -7.12 -5.81 9.15
C CYS A 88 -6.30 -4.89 8.24
N VAL A 89 -5.02 -5.23 7.97
CA VAL A 89 -4.15 -4.44 7.07
C VAL A 89 -4.73 -4.47 5.66
N GLU A 90 -5.25 -5.63 5.24
CA GLU A 90 -5.87 -5.84 3.92
C GLU A 90 -7.19 -5.08 3.83
N LEU A 91 -7.97 -5.02 4.92
CA LEU A 91 -9.23 -4.23 4.99
C LEU A 91 -8.99 -2.72 4.96
N LEU A 92 -7.87 -2.26 5.59
CA LEU A 92 -7.46 -0.84 5.53
C LEU A 92 -7.12 -0.51 4.06
N GLN A 93 -6.41 -1.41 3.38
CA GLN A 93 -6.07 -1.20 2.00
C GLN A 93 -7.32 -1.20 1.10
N ALA A 94 -8.22 -2.21 1.24
CA ALA A 94 -9.48 -2.33 0.51
C ALA A 94 -10.31 -1.04 0.58
N PHE A 95 -10.40 -0.44 1.78
CA PHE A 95 -11.09 0.82 2.09
C PHE A 95 -10.49 1.95 1.26
N PHE A 96 -9.14 2.12 1.27
CA PHE A 96 -8.45 3.15 0.49
C PHE A 96 -8.63 2.95 -1.02
N LEU A 97 -8.56 1.70 -1.53
CA LEU A 97 -8.65 1.45 -2.97
C LEU A 97 -10.01 1.71 -3.52
N VAL A 98 -11.06 1.30 -2.79
CA VAL A 98 -12.46 1.48 -3.18
C VAL A 98 -12.71 2.99 -3.36
N ALA A 99 -12.21 3.79 -2.40
CA ALA A 99 -12.36 5.25 -2.37
C ALA A 99 -11.52 5.95 -3.41
N ASP A 100 -10.24 5.54 -3.59
CA ASP A 100 -9.32 6.11 -4.59
C ASP A 100 -9.83 5.88 -6.00
N ASP A 101 -10.43 4.69 -6.27
CA ASP A 101 -11.00 4.36 -7.57
C ASP A 101 -12.15 5.26 -7.91
N ILE A 102 -12.95 5.64 -6.89
CA ILE A 102 -14.06 6.59 -7.10
C ILE A 102 -13.46 7.97 -7.42
N MET A 103 -12.58 8.48 -6.55
CA MET A 103 -11.96 9.80 -6.72
C MET A 103 -11.21 10.00 -8.04
N ASP A 104 -10.47 9.01 -8.50
CA ASP A 104 -9.73 9.23 -9.75
C ASP A 104 -10.44 8.67 -10.97
N SER A 105 -11.72 8.27 -10.83
CA SER A 105 -12.56 7.76 -11.92
C SER A 105 -11.96 6.56 -12.66
N SER A 106 -11.51 5.56 -11.90
CA SER A 106 -10.89 4.35 -12.45
C SER A 106 -11.95 3.39 -12.99
N LEU A 107 -11.57 2.56 -13.97
CA LEU A 107 -12.49 1.60 -14.58
C LEU A 107 -12.32 0.21 -14.01
N THR A 108 -11.05 -0.20 -13.86
CA THR A 108 -10.68 -1.52 -13.38
C THR A 108 -9.66 -1.45 -12.25
N ARG A 109 -9.64 -2.51 -11.43
CA ARG A 109 -8.76 -2.75 -10.29
C ARG A 109 -8.49 -4.26 -10.29
N ARG A 110 -7.21 -4.65 -10.48
CA ARG A 110 -6.75 -6.06 -10.54
C ARG A 110 -7.45 -6.76 -11.72
N GLY A 111 -7.50 -6.08 -12.86
CA GLY A 111 -8.14 -6.56 -14.08
C GLY A 111 -9.66 -6.69 -14.04
N GLN A 112 -10.30 -6.46 -12.85
CA GLN A 112 -11.76 -6.53 -12.70
C GLN A 112 -12.37 -5.15 -12.50
N ILE A 113 -13.65 -5.00 -12.85
CA ILE A 113 -14.42 -3.75 -12.75
C ILE A 113 -14.37 -3.21 -11.31
N CYS A 114 -14.03 -1.92 -11.12
CA CYS A 114 -14.04 -1.28 -9.79
C CYS A 114 -15.42 -1.43 -9.18
N TRP A 115 -15.46 -1.74 -7.90
CA TRP A 115 -16.69 -1.90 -7.11
C TRP A 115 -17.74 -0.80 -7.43
N TYR A 116 -17.33 0.48 -7.43
CA TYR A 116 -18.27 1.58 -7.67
C TYR A 116 -18.83 1.57 -9.09
N GLN A 117 -18.11 0.99 -10.05
CA GLN A 117 -18.52 0.88 -11.45
C GLN A 117 -19.53 -0.24 -11.70
N LYS A 118 -19.76 -1.13 -10.71
CA LYS A 118 -20.73 -2.23 -10.83
C LYS A 118 -22.16 -1.68 -10.88
N PRO A 119 -23.05 -2.21 -11.76
CA PRO A 119 -24.42 -1.71 -11.81
C PRO A 119 -25.12 -1.79 -10.46
N GLY A 120 -25.84 -0.73 -10.12
CA GLY A 120 -26.52 -0.63 -8.84
C GLY A 120 -25.65 -0.27 -7.64
N VAL A 121 -24.34 0.03 -7.85
CA VAL A 121 -23.44 0.43 -6.74
C VAL A 121 -23.21 1.96 -6.76
N GLY A 122 -22.43 2.47 -7.72
CA GLY A 122 -22.18 3.90 -7.84
C GLY A 122 -21.56 4.53 -6.60
N LEU A 123 -22.02 5.71 -6.24
CA LEU A 123 -21.53 6.50 -5.11
C LEU A 123 -21.87 5.88 -3.74
N ASP A 124 -22.78 4.89 -3.69
CA ASP A 124 -23.03 4.07 -2.49
C ASP A 124 -21.72 3.41 -2.01
N ALA A 125 -20.76 3.20 -2.93
CA ALA A 125 -19.42 2.67 -2.59
C ALA A 125 -18.67 3.54 -1.57
N ILE A 126 -19.10 4.81 -1.36
CA ILE A 126 -18.50 5.67 -0.34
C ILE A 126 -18.82 5.12 1.05
N ASN A 127 -20.06 4.67 1.24
CA ASN A 127 -20.49 4.04 2.49
C ASN A 127 -19.84 2.65 2.67
N ASP A 128 -19.74 1.88 1.57
CA ASP A 128 -19.14 0.56 1.52
C ASP A 128 -17.67 0.62 1.97
N ALA A 129 -16.93 1.66 1.50
CA ALA A 129 -15.54 1.91 1.86
C ALA A 129 -15.45 2.22 3.35
N ASN A 130 -16.43 2.97 3.89
CA ASN A 130 -16.49 3.28 5.34
C ASN A 130 -16.72 2.04 6.19
N LEU A 131 -17.58 1.13 5.73
CA LEU A 131 -17.83 -0.15 6.37
C LEU A 131 -16.56 -1.02 6.39
N LEU A 132 -15.77 -1.01 5.29
CA LEU A 132 -14.51 -1.78 5.25
C LEU A 132 -13.55 -1.28 6.34
N GLU A 133 -13.53 0.04 6.51
CA GLU A 133 -12.76 0.72 7.53
C GLU A 133 -13.25 0.30 8.94
N ALA A 134 -14.59 0.27 9.15
CA ALA A 134 -15.24 -0.08 10.42
C ALA A 134 -14.94 -1.52 10.89
N CYS A 135 -14.79 -2.43 9.96
CA CYS A 135 -14.50 -3.84 10.18
C CYS A 135 -13.17 -4.08 10.88
N ILE A 136 -12.13 -3.25 10.60
CA ILE A 136 -10.82 -3.32 11.26
C ILE A 136 -11.02 -3.34 12.79
N TYR A 137 -11.73 -2.33 13.30
CA TYR A 137 -11.97 -2.07 14.71
C TYR A 137 -12.90 -3.08 15.33
N ARG A 138 -13.87 -3.61 14.54
CA ARG A 138 -14.76 -4.70 14.96
C ARG A 138 -13.93 -5.98 15.20
N LEU A 139 -13.00 -6.31 14.28
CA LEU A 139 -12.09 -7.48 14.37
C LEU A 139 -11.10 -7.35 15.50
N LEU A 140 -10.50 -6.15 15.69
CA LEU A 140 -9.55 -5.89 16.78
C LEU A 140 -10.28 -6.10 18.10
N LYS A 141 -11.54 -5.65 18.20
CA LYS A 141 -12.34 -5.88 19.41
C LYS A 141 -12.63 -7.37 19.63
N LEU A 142 -13.16 -8.05 18.60
CA LEU A 142 -13.53 -9.48 18.67
C LEU A 142 -12.36 -10.40 19.02
N TYR A 143 -11.15 -10.07 18.54
CA TYR A 143 -9.97 -10.91 18.71
C TYR A 143 -8.94 -10.44 19.71
N CYS A 144 -8.75 -9.12 19.87
CA CYS A 144 -7.67 -8.57 20.69
C CYS A 144 -8.10 -7.75 21.90
N ARG A 145 -9.43 -7.61 22.17
CA ARG A 145 -9.98 -6.83 23.30
C ARG A 145 -9.23 -7.04 24.65
N GLU A 146 -8.94 -8.31 24.99
CA GLU A 146 -8.30 -8.71 26.25
C GLU A 146 -6.77 -8.76 26.21
N GLN A 147 -6.14 -8.47 25.05
CA GLN A 147 -4.68 -8.45 24.86
C GLN A 147 -4.02 -7.15 25.35
N PRO A 148 -2.77 -7.17 25.90
CA PRO A 148 -2.17 -5.91 26.41
C PRO A 148 -1.86 -4.85 25.35
N TYR A 149 -1.75 -5.24 24.09
CA TYR A 149 -1.44 -4.37 22.96
C TYR A 149 -2.70 -3.86 22.24
N TYR A 150 -3.89 -4.11 22.81
CA TYR A 150 -5.16 -3.73 22.21
C TYR A 150 -5.18 -2.26 21.69
N LEU A 151 -5.03 -1.30 22.61
CA LEU A 151 -4.96 0.14 22.38
C LEU A 151 -3.86 0.53 21.41
N ASN A 152 -2.65 -0.10 21.54
CA ASN A 152 -1.51 0.11 20.63
C ASN A 152 -1.89 -0.13 19.17
N LEU A 153 -2.64 -1.24 18.90
CA LEU A 153 -3.11 -1.62 17.57
C LEU A 153 -4.19 -0.67 17.06
N ILE A 154 -5.14 -0.29 17.93
CA ILE A 154 -6.21 0.68 17.56
C ILE A 154 -5.57 2.01 17.09
N GLU A 155 -4.62 2.54 17.88
CA GLU A 155 -3.92 3.78 17.58
C GLU A 155 -3.09 3.73 16.32
N LEU A 156 -2.41 2.59 16.07
CA LEU A 156 -1.58 2.38 14.91
C LEU A 156 -2.42 2.37 13.62
N PHE A 157 -3.58 1.69 13.62
CA PHE A 157 -4.48 1.67 12.47
C PHE A 157 -5.07 3.07 12.21
N LEU A 158 -5.48 3.78 13.30
CA LEU A 158 -6.03 5.14 13.19
C LEU A 158 -4.96 6.09 12.64
N GLN A 159 -3.74 6.08 13.19
CA GLN A 159 -2.63 6.92 12.69
C GLN A 159 -2.25 6.54 11.23
N SER A 160 -2.27 5.26 10.87
CA SER A 160 -2.03 4.84 9.47
C SER A 160 -3.09 5.37 8.52
N SER A 161 -4.37 5.41 8.96
CA SER A 161 -5.49 5.95 8.18
C SER A 161 -5.28 7.45 7.94
N TYR A 162 -4.98 8.17 9.02
CA TYR A 162 -4.72 9.59 8.98
C TYR A 162 -3.53 10.00 8.05
N GLN A 163 -2.38 9.29 8.13
CA GLN A 163 -1.19 9.58 7.30
C GLN A 163 -1.48 9.38 5.82
N THR A 164 -2.18 8.26 5.50
CA THR A 164 -2.58 7.90 4.14
C THR A 164 -3.51 8.96 3.56
N GLU A 165 -4.50 9.41 4.37
CA GLU A 165 -5.47 10.47 4.00
C GLU A 165 -4.77 11.80 3.80
N ILE A 166 -3.74 12.09 4.61
CA ILE A 166 -2.92 13.30 4.46
C ILE A 166 -2.12 13.20 3.16
N GLY A 167 -1.58 12.01 2.89
CA GLY A 167 -0.84 11.71 1.67
C GLY A 167 -1.69 11.86 0.42
N GLN A 168 -2.97 11.40 0.51
CA GLN A 168 -3.96 11.48 -0.55
C GLN A 168 -4.33 12.92 -0.87
N THR A 169 -4.47 13.77 0.16
CA THR A 169 -4.74 15.20 0.05
C THR A 169 -3.58 15.85 -0.70
N LEU A 170 -2.35 15.57 -0.25
CA LEU A 170 -1.11 16.09 -0.82
C LEU A 170 -1.04 15.74 -2.32
N ASP A 171 -1.37 14.48 -2.64
CA ASP A 171 -1.44 13.97 -4.00
C ASP A 171 -2.47 14.72 -4.86
N LEU A 172 -3.73 14.81 -4.36
CA LEU A 172 -4.88 15.49 -5.02
C LEU A 172 -4.61 16.97 -5.24
N LEU A 173 -3.84 17.59 -4.33
CA LEU A 173 -3.43 19.00 -4.44
C LEU A 173 -2.37 19.17 -5.54
N THR A 174 -1.43 18.19 -5.67
CA THR A 174 -0.30 18.21 -6.60
C THR A 174 -0.73 17.94 -8.04
N ALA A 175 -1.61 16.95 -8.28
CA ALA A 175 -2.05 16.65 -9.64
C ALA A 175 -3.56 16.79 -9.78
N PRO A 176 -4.10 18.05 -9.85
CA PRO A 176 -5.56 18.20 -10.01
C PRO A 176 -5.99 17.73 -11.40
N GLN A 177 -7.19 17.11 -11.49
CA GLN A 177 -7.76 16.63 -12.74
C GLN A 177 -8.22 17.85 -13.52
N GLY A 178 -7.42 18.24 -14.51
CA GLY A 178 -7.65 19.41 -15.35
C GLY A 178 -6.60 20.50 -15.18
N ASN A 179 -5.52 20.19 -14.41
CA ASN A 179 -4.40 21.09 -14.15
C ASN A 179 -3.04 20.42 -14.40
N VAL A 180 -2.45 20.75 -15.56
CA VAL A 180 -1.15 20.25 -16.04
C VAL A 180 -0.05 21.28 -15.69
N ASP A 181 0.35 21.30 -14.39
CA ASP A 181 1.41 22.18 -13.89
C ASP A 181 2.54 21.36 -13.28
N LEU A 182 3.69 21.36 -13.97
CA LEU A 182 4.87 20.61 -13.60
C LEU A 182 5.76 21.34 -12.59
N VAL A 183 5.36 22.58 -12.22
CA VAL A 183 6.08 23.41 -11.26
C VAL A 183 5.89 22.83 -9.83
N ARG A 184 4.69 22.28 -9.54
CA ARG A 184 4.42 21.66 -8.24
C ARG A 184 5.01 20.23 -8.10
N PHE A 185 5.52 19.65 -9.21
CA PHE A 185 6.13 18.31 -9.25
C PHE A 185 7.61 18.35 -8.85
N THR A 186 7.90 18.53 -7.55
CA THR A 186 9.28 18.58 -7.07
C THR A 186 9.68 17.25 -6.41
N GLU A 187 10.99 17.00 -6.25
CA GLU A 187 11.46 15.78 -5.59
C GLU A 187 10.96 15.73 -4.14
N LYS A 188 11.07 16.86 -3.42
CA LYS A 188 10.65 17.01 -2.03
C LYS A 188 9.15 16.71 -1.86
N ARG A 189 8.33 17.16 -2.81
CA ARG A 189 6.89 16.92 -2.80
C ARG A 189 6.61 15.48 -3.11
N TYR A 190 7.32 14.92 -4.11
CA TYR A 190 7.20 13.51 -4.51
C TYR A 190 7.49 12.59 -3.30
N LYS A 191 8.61 12.84 -2.63
CA LYS A 191 9.05 12.10 -1.45
C LYS A 191 8.02 12.17 -0.30
N SER A 192 7.39 13.34 -0.08
CA SER A 192 6.32 13.55 0.91
C SER A 192 5.05 12.76 0.58
N ILE A 193 4.62 12.77 -0.70
CA ILE A 193 3.44 12.01 -1.12
C ILE A 193 3.66 10.51 -0.87
N VAL A 194 4.86 9.99 -1.21
CA VAL A 194 5.21 8.57 -1.05
C VAL A 194 5.21 8.17 0.44
N LYS A 195 5.84 9.00 1.28
CA LYS A 195 5.94 8.72 2.72
C LYS A 195 4.56 8.57 3.32
N TYR A 196 3.70 9.56 3.09
CA TYR A 196 2.40 9.63 3.68
C TYR A 196 1.38 8.71 3.01
N LYS A 197 1.17 8.81 1.68
CA LYS A 197 0.17 8.02 0.98
C LYS A 197 0.43 6.51 0.89
N THR A 198 1.73 6.08 0.82
CA THR A 198 2.07 4.67 0.62
C THR A 198 2.96 4.02 1.68
N ALA A 199 4.10 4.63 2.03
CA ALA A 199 5.13 4.02 2.89
C ALA A 199 4.67 3.69 4.31
N PHE A 200 3.84 4.53 4.95
CA PHE A 200 3.39 4.25 6.32
C PHE A 200 2.51 2.99 6.42
N TYR A 201 1.42 2.90 5.62
CA TYR A 201 0.54 1.73 5.71
C TYR A 201 1.09 0.45 5.06
N SER A 202 1.94 0.59 4.00
CA SER A 202 2.41 -0.57 3.25
C SER A 202 3.60 -1.25 3.92
N PHE A 203 4.41 -0.50 4.65
CA PHE A 203 5.61 -1.05 5.23
C PHE A 203 5.68 -0.92 6.72
N TYR A 204 5.48 0.30 7.24
CA TYR A 204 5.57 0.47 8.67
C TYR A 204 4.43 -0.23 9.42
N LEU A 205 3.15 0.07 9.09
CA LEU A 205 1.98 -0.52 9.75
C LEU A 205 2.09 -2.07 9.96
N PRO A 206 2.33 -2.92 8.92
CA PRO A 206 2.33 -4.36 9.16
C PRO A 206 3.45 -4.89 10.08
N ILE A 207 4.65 -4.27 10.07
CA ILE A 207 5.77 -4.66 10.93
C ILE A 207 5.49 -4.19 12.35
N ALA A 208 5.01 -2.94 12.50
CA ALA A 208 4.69 -2.33 13.79
C ALA A 208 3.58 -3.07 14.50
N ALA A 209 2.61 -3.62 13.73
CA ALA A 209 1.50 -4.40 14.28
C ALA A 209 2.05 -5.67 14.88
N ALA A 210 2.91 -6.41 14.11
CA ALA A 210 3.60 -7.63 14.56
C ALA A 210 4.48 -7.36 15.80
N MET A 211 5.21 -6.22 15.80
CA MET A 211 6.03 -5.75 16.92
C MET A 211 5.20 -5.57 18.20
N TYR A 212 4.04 -4.87 18.14
CA TYR A 212 3.19 -4.69 19.34
C TYR A 212 2.64 -6.01 19.83
N MET A 213 2.27 -6.89 18.90
CA MET A 213 1.76 -8.22 19.26
C MET A 213 2.83 -9.06 19.97
N ALA A 214 4.12 -8.75 19.66
CA ALA A 214 5.30 -9.40 20.23
C ALA A 214 5.74 -8.79 21.59
N GLY A 215 5.11 -7.67 21.98
CA GLY A 215 5.44 -6.98 23.23
C GLY A 215 6.49 -5.90 23.03
N ILE A 216 6.92 -5.70 21.77
CA ILE A 216 7.90 -4.68 21.41
C ILE A 216 7.09 -3.38 21.14
N ASP A 217 6.92 -2.55 22.20
CA ASP A 217 6.14 -1.30 22.14
C ASP A 217 6.96 0.00 22.35
N GLY A 218 8.26 -0.14 22.57
CA GLY A 218 9.19 0.97 22.81
C GLY A 218 9.29 1.91 21.62
N GLU A 219 9.25 3.23 21.89
CA GLU A 219 9.32 4.29 20.87
C GLU A 219 10.60 4.21 20.06
N LYS A 220 11.74 3.86 20.71
CA LYS A 220 13.06 3.70 20.09
C LYS A 220 13.02 2.62 19.02
N GLU A 221 12.57 1.40 19.40
CA GLU A 221 12.45 0.26 18.51
C GLU A 221 11.56 0.60 17.29
N HIS A 222 10.42 1.25 17.53
CA HIS A 222 9.49 1.66 16.47
C HIS A 222 10.08 2.73 15.57
N ALA A 223 10.82 3.70 16.15
CA ALA A 223 11.52 4.75 15.41
C ALA A 223 12.59 4.11 14.52
N ASN A 224 13.34 3.12 15.07
CA ASN A 224 14.37 2.39 14.34
C ASN A 224 13.78 1.62 13.20
N ALA A 225 12.69 0.85 13.45
CA ALA A 225 12.00 0.06 12.42
C ALA A 225 11.42 0.97 11.32
N LYS A 226 10.81 2.11 11.71
CA LYS A 226 10.24 3.14 10.84
C LYS A 226 11.31 3.72 9.88
N LYS A 227 12.52 3.98 10.36
CA LYS A 227 13.63 4.48 9.55
C LYS A 227 13.97 3.52 8.37
N ILE A 228 14.05 2.20 8.62
CA ILE A 228 14.31 1.24 7.56
C ILE A 228 13.13 1.18 6.59
N LEU A 229 11.91 0.96 7.14
CA LEU A 229 10.67 0.71 6.41
C LEU A 229 10.21 1.87 5.53
N LEU A 230 10.39 3.11 5.99
CA LEU A 230 10.02 4.27 5.18
C LEU A 230 10.94 4.41 3.96
N GLU A 231 12.23 4.01 4.09
CA GLU A 231 13.20 4.02 2.97
C GLU A 231 12.88 2.90 1.94
N MET A 232 12.45 1.71 2.44
CA MET A 232 11.97 0.57 1.63
C MET A 232 10.71 0.99 0.82
N GLY A 233 9.83 1.75 1.45
CA GLY A 233 8.60 2.28 0.88
C GLY A 233 8.83 3.30 -0.21
N GLU A 234 9.88 4.12 -0.06
CA GLU A 234 10.32 5.10 -1.04
C GLU A 234 10.87 4.40 -2.30
N PHE A 235 11.76 3.38 -2.13
CA PHE A 235 12.27 2.60 -3.25
C PHE A 235 11.12 1.85 -3.95
N PHE A 236 10.24 1.20 -3.18
CA PHE A 236 9.10 0.45 -3.71
C PHE A 236 8.29 1.27 -4.72
N GLN A 237 7.92 2.49 -4.34
CA GLN A 237 7.13 3.38 -5.21
C GLN A 237 7.94 3.92 -6.40
N ILE A 238 9.22 4.31 -6.18
CA ILE A 238 10.12 4.77 -7.25
C ILE A 238 10.23 3.64 -8.30
N GLN A 239 10.41 2.38 -7.84
CA GLN A 239 10.50 1.20 -8.72
C GLN A 239 9.19 1.00 -9.50
N ASP A 240 8.04 1.14 -8.81
CA ASP A 240 6.70 1.06 -9.36
C ASP A 240 6.47 2.09 -10.49
N ASP A 241 6.95 3.34 -10.29
CA ASP A 241 6.87 4.42 -11.28
C ASP A 241 7.78 4.13 -12.48
N TYR A 242 8.94 3.48 -12.24
CA TYR A 242 9.86 3.11 -13.31
C TYR A 242 9.28 1.98 -14.15
N LEU A 243 8.84 0.90 -13.49
CA LEU A 243 8.25 -0.30 -14.11
C LEU A 243 6.98 0.03 -14.89
N ASP A 244 6.24 1.05 -14.43
CA ASP A 244 5.01 1.52 -15.08
C ASP A 244 5.25 1.77 -16.58
N LEU A 245 6.37 2.42 -16.93
CA LEU A 245 6.72 2.72 -18.30
C LEU A 245 7.76 1.79 -18.91
N PHE A 246 8.92 1.62 -18.24
CA PHE A 246 10.02 0.84 -18.78
C PHE A 246 10.00 -0.65 -18.41
N GLY A 247 8.99 -1.07 -17.65
CA GLY A 247 8.84 -2.47 -17.26
C GLY A 247 8.11 -3.26 -18.32
N ASP A 248 8.53 -4.52 -18.52
CA ASP A 248 7.92 -5.45 -19.46
C ASP A 248 6.52 -5.82 -18.95
N PRO A 249 5.45 -5.62 -19.77
CA PRO A 249 4.09 -5.90 -19.26
C PRO A 249 3.76 -7.37 -19.00
N SER A 250 4.60 -8.30 -19.53
CA SER A 250 4.45 -9.75 -19.33
C SER A 250 4.80 -10.09 -17.86
N VAL A 251 6.05 -9.75 -17.44
CA VAL A 251 6.60 -9.99 -16.10
C VAL A 251 5.81 -9.22 -15.02
N THR A 252 5.52 -7.92 -15.26
CA THR A 252 4.79 -7.05 -14.32
C THR A 252 3.31 -7.43 -14.17
N GLY A 253 2.70 -7.84 -15.28
CA GLY A 253 1.29 -8.20 -15.35
C GLY A 253 0.42 -6.96 -15.34
N LYS A 254 0.96 -5.84 -15.85
CA LYS A 254 0.31 -4.51 -15.92
C LYS A 254 0.84 -3.66 -17.08
N ILE A 255 0.00 -2.75 -17.61
CA ILE A 255 0.33 -1.86 -18.73
C ILE A 255 0.29 -0.38 -18.28
N GLY A 256 1.34 0.38 -18.62
CA GLY A 256 1.55 1.78 -18.24
C GLY A 256 0.53 2.80 -18.69
N THR A 257 0.15 3.70 -17.74
CA THR A 257 -0.84 4.79 -17.96
C THR A 257 -0.45 6.12 -17.26
N ASP A 258 0.56 6.11 -16.36
CA ASP A 258 1.02 7.26 -15.56
C ASP A 258 1.21 8.59 -16.33
N ILE A 259 1.71 8.56 -17.58
CA ILE A 259 1.93 9.76 -18.40
C ILE A 259 0.57 10.39 -18.77
N GLN A 260 -0.37 9.56 -19.29
CA GLN A 260 -1.76 9.91 -19.66
C GLN A 260 -2.53 10.54 -18.49
N ASP A 261 -2.21 10.18 -17.23
CA ASP A 261 -2.92 10.63 -16.03
C ASP A 261 -2.28 11.81 -15.27
N ASN A 262 -1.17 12.40 -15.79
CA ASN A 262 -0.46 13.56 -15.21
C ASN A 262 -0.03 13.27 -13.77
N LYS A 263 0.49 12.04 -13.53
CA LYS A 263 0.86 11.61 -12.19
C LYS A 263 2.16 12.23 -11.75
N CYS A 264 2.30 12.52 -10.43
CA CYS A 264 3.58 13.01 -9.94
C CYS A 264 4.42 11.74 -9.74
N SER A 265 4.95 11.24 -10.86
CA SER A 265 5.75 10.04 -10.96
C SER A 265 7.21 10.42 -10.78
N TRP A 266 8.02 9.46 -10.28
CA TRP A 266 9.46 9.67 -10.09
C TRP A 266 10.12 10.01 -11.44
N LEU A 267 9.63 9.39 -12.54
CA LEU A 267 10.15 9.60 -13.89
C LEU A 267 10.04 11.07 -14.32
N VAL A 268 8.85 11.71 -14.10
CA VAL A 268 8.65 13.12 -14.46
C VAL A 268 9.52 14.05 -13.57
N VAL A 269 9.65 13.74 -12.26
CA VAL A 269 10.44 14.52 -11.29
C VAL A 269 11.91 14.65 -11.76
N GLN A 270 12.51 13.52 -12.18
CA GLN A 270 13.87 13.43 -12.68
C GLN A 270 14.01 14.14 -14.02
N CYS A 271 13.04 13.89 -14.94
CA CYS A 271 12.96 14.51 -16.27
C CYS A 271 13.02 16.02 -16.09
N LEU A 272 12.15 16.58 -15.22
CA LEU A 272 12.09 18.01 -14.91
C LEU A 272 13.41 18.56 -14.36
N GLN A 273 14.12 17.77 -13.53
CA GLN A 273 15.41 18.15 -12.95
C GLN A 273 16.53 18.22 -14.02
N ARG A 274 16.37 17.44 -15.12
CA ARG A 274 17.36 17.29 -16.19
C ARG A 274 17.05 17.99 -17.52
N ALA A 275 15.77 18.35 -17.76
CA ALA A 275 15.29 18.98 -18.99
C ALA A 275 15.75 20.42 -19.15
N THR A 276 16.24 20.76 -20.36
CA THR A 276 16.66 22.12 -20.73
C THR A 276 15.37 22.95 -20.95
N PRO A 277 15.40 24.30 -21.10
CA PRO A 277 14.14 25.05 -21.31
C PRO A 277 13.31 24.55 -22.51
N GLU A 278 14.00 24.06 -23.57
CA GLU A 278 13.42 23.47 -24.79
C GLU A 278 12.76 22.13 -24.46
N GLN A 279 13.53 21.23 -23.78
CA GLN A 279 13.09 19.90 -23.36
C GLN A 279 11.91 19.98 -22.37
N TYR A 280 11.87 21.04 -21.54
CA TYR A 280 10.78 21.31 -20.60
C TYR A 280 9.45 21.50 -21.37
N GLN A 281 9.50 22.30 -22.46
CA GLN A 281 8.36 22.61 -23.31
C GLN A 281 7.73 21.38 -23.98
N ILE A 282 8.57 20.44 -24.49
CA ILE A 282 8.12 19.18 -25.10
C ILE A 282 7.32 18.36 -24.08
N LEU A 283 7.82 18.27 -22.83
CA LEU A 283 7.15 17.56 -21.74
C LEU A 283 5.89 18.32 -21.32
N LYS A 284 5.94 19.67 -21.35
CA LYS A 284 4.80 20.53 -21.01
C LYS A 284 3.59 20.28 -21.92
N GLU A 285 3.82 19.84 -23.18
CA GLU A 285 2.79 19.56 -24.18
C GLU A 285 2.23 18.12 -24.15
N ASN A 286 3.12 17.12 -24.25
CA ASN A 286 2.77 15.69 -24.35
C ASN A 286 2.28 15.02 -23.03
N TYR A 287 2.71 15.52 -21.85
CA TYR A 287 2.31 14.94 -20.54
C TYR A 287 0.86 15.27 -20.17
N GLY A 288 0.08 14.21 -19.96
CA GLY A 288 -1.33 14.32 -19.59
C GLY A 288 -2.28 13.98 -20.72
N GLN A 289 -1.75 13.79 -21.94
CA GLN A 289 -2.55 13.47 -23.12
C GLN A 289 -2.65 11.97 -23.35
N LYS A 290 -3.84 11.51 -23.77
CA LYS A 290 -4.17 10.11 -24.01
C LYS A 290 -3.52 9.50 -25.25
N GLU A 291 -3.43 10.25 -26.37
CA GLU A 291 -2.89 9.83 -27.67
C GLU A 291 -1.58 9.04 -27.60
N ALA A 292 -1.55 7.86 -28.27
CA ALA A 292 -0.42 6.93 -28.33
C ALA A 292 0.85 7.48 -29.00
N GLU A 293 0.69 8.53 -29.83
CA GLU A 293 1.77 9.23 -30.54
C GLU A 293 2.47 10.21 -29.58
N LYS A 294 1.69 10.89 -28.71
CA LYS A 294 2.15 11.85 -27.71
C LYS A 294 2.78 11.14 -26.50
N VAL A 295 2.22 9.97 -26.12
CA VAL A 295 2.70 9.10 -25.04
C VAL A 295 4.07 8.54 -25.42
N ALA A 296 4.27 8.26 -26.73
CA ALA A 296 5.52 7.76 -27.31
C ALA A 296 6.63 8.82 -27.26
N ARG A 297 6.24 10.11 -27.29
CA ARG A 297 7.14 11.26 -27.26
C ARG A 297 7.80 11.45 -25.88
N VAL A 298 7.03 11.24 -24.78
CA VAL A 298 7.53 11.35 -23.40
C VAL A 298 8.50 10.18 -23.14
N LYS A 299 8.08 8.93 -23.47
CA LYS A 299 8.92 7.72 -23.34
C LYS A 299 10.27 7.95 -24.02
N ALA A 300 10.26 8.56 -25.22
CA ALA A 300 11.45 8.89 -26.00
C ALA A 300 12.29 9.96 -25.31
N LEU A 301 11.65 10.99 -24.69
CA LEU A 301 12.34 12.07 -23.96
C LEU A 301 13.03 11.52 -22.71
N TYR A 302 12.34 10.61 -21.98
CA TYR A 302 12.88 9.95 -20.79
C TYR A 302 14.12 9.15 -21.18
N GLU A 303 13.99 8.35 -22.27
CA GLU A 303 15.06 7.53 -22.85
C GLU A 303 16.26 8.39 -23.26
N GLU A 304 16.00 9.56 -23.88
CA GLU A 304 17.00 10.54 -24.34
C GLU A 304 17.79 11.11 -23.13
N LEU A 305 17.08 11.36 -22.01
CA LEU A 305 17.69 11.88 -20.78
C LEU A 305 18.31 10.77 -19.90
N ASP A 306 18.38 9.53 -20.45
CA ASP A 306 18.94 8.32 -19.85
C ASP A 306 18.40 8.04 -18.44
N LEU A 307 17.08 8.23 -18.24
CA LEU A 307 16.43 7.98 -16.96
C LEU A 307 16.46 6.46 -16.59
N PRO A 308 16.37 5.48 -17.56
CA PRO A 308 16.50 4.05 -17.18
C PRO A 308 17.85 3.71 -16.51
N ALA A 309 18.91 4.48 -16.88
CA ALA A 309 20.25 4.36 -16.34
C ALA A 309 20.30 5.05 -14.97
N VAL A 310 19.64 6.21 -14.84
CA VAL A 310 19.52 7.01 -13.62
C VAL A 310 18.79 6.15 -12.55
N PHE A 311 17.81 5.34 -13.00
CA PHE A 311 17.07 4.42 -12.17
C PHE A 311 17.97 3.28 -11.73
N LEU A 312 18.69 2.67 -12.69
CA LEU A 312 19.57 1.53 -12.47
C LEU A 312 20.62 1.90 -11.41
N GLN A 313 21.13 3.16 -11.46
CA GLN A 313 22.11 3.66 -10.51
C GLN A 313 21.46 3.89 -9.14
N TYR A 314 20.23 4.47 -9.13
CA TYR A 314 19.43 4.74 -7.92
C TYR A 314 19.12 3.44 -7.19
N GLU A 315 18.81 2.35 -7.95
CA GLU A 315 18.49 1.04 -7.41
C GLU A 315 19.65 0.40 -6.64
N GLU A 316 20.88 0.55 -7.16
CA GLU A 316 22.10 0.03 -6.55
C GLU A 316 22.44 0.85 -5.31
N ASP A 317 22.31 2.17 -5.40
CA ASP A 317 22.56 3.10 -4.29
C ASP A 317 21.56 2.83 -3.14
N SER A 318 20.28 2.58 -3.49
CA SER A 318 19.20 2.29 -2.56
C SER A 318 19.39 0.98 -1.83
N TYR A 319 19.77 -0.09 -2.55
CA TYR A 319 20.00 -1.40 -1.93
C TYR A 319 21.15 -1.29 -0.92
N SER A 320 22.25 -0.64 -1.32
CA SER A 320 23.42 -0.36 -0.49
C SER A 320 22.98 0.37 0.79
N HIS A 321 22.19 1.46 0.65
CA HIS A 321 21.67 2.24 1.77
C HIS A 321 20.78 1.45 2.73
N ILE A 322 19.83 0.66 2.19
CA ILE A 322 18.93 -0.17 2.99
C ILE A 322 19.71 -1.21 3.83
N MET A 323 20.78 -1.81 3.28
CA MET A 323 21.60 -2.80 3.97
C MET A 323 22.37 -2.17 5.13
N ALA A 324 22.87 -0.94 4.94
CA ALA A 324 23.53 -0.13 5.98
C ALA A 324 22.48 0.27 7.02
N LEU A 325 21.26 0.59 6.57
CA LEU A 325 20.17 0.93 7.49
C LEU A 325 19.82 -0.26 8.40
N ILE A 326 19.64 -1.48 7.80
CA ILE A 326 19.33 -2.73 8.52
C ILE A 326 20.42 -3.00 9.55
N GLU A 327 21.67 -2.95 9.13
CA GLU A 327 22.88 -3.16 9.93
C GLU A 327 22.88 -2.24 11.18
N GLN A 328 22.55 -0.94 11.00
CA GLN A 328 22.52 0.10 12.04
C GLN A 328 21.24 0.17 12.91
N TYR A 329 20.06 -0.18 12.36
CA TYR A 329 18.80 0.00 13.09
C TYR A 329 17.92 -1.26 13.33
N ALA A 330 18.31 -2.48 12.84
CA ALA A 330 17.50 -3.69 13.06
C ALA A 330 17.48 -4.11 14.52
N ALA A 331 18.68 -4.17 15.17
CA ALA A 331 18.86 -4.57 16.58
C ALA A 331 17.91 -3.79 17.51
N PRO A 332 17.21 -4.47 18.44
CA PRO A 332 17.32 -5.89 18.80
C PRO A 332 16.38 -6.83 18.00
N LEU A 333 15.77 -6.35 16.90
CA LEU A 333 14.90 -7.21 16.09
C LEU A 333 15.73 -8.14 15.18
N PRO A 334 15.27 -9.36 14.78
CA PRO A 334 16.12 -10.19 13.89
C PRO A 334 16.21 -9.50 12.52
N PRO A 335 17.44 -9.27 12.00
CA PRO A 335 17.57 -8.59 10.69
C PRO A 335 16.76 -9.26 9.57
N ALA A 336 16.48 -10.58 9.67
CA ALA A 336 15.70 -11.37 8.71
C ALA A 336 14.26 -10.85 8.50
N VAL A 337 13.75 -10.01 9.44
CA VAL A 337 12.41 -9.38 9.39
C VAL A 337 12.40 -8.36 8.24
N PHE A 338 13.52 -7.63 8.09
CA PHE A 338 13.77 -6.60 7.10
C PHE A 338 14.40 -7.15 5.83
N LEU A 339 15.24 -8.16 5.98
CA LEU A 339 15.91 -8.80 4.85
C LEU A 339 14.91 -9.52 3.94
N GLY A 340 13.87 -10.09 4.56
CA GLY A 340 12.77 -10.75 3.86
C GLY A 340 12.04 -9.80 2.92
N LEU A 341 11.73 -8.58 3.41
CA LEU A 341 11.05 -7.52 2.64
C LEU A 341 11.94 -7.02 1.52
N ALA A 342 13.21 -6.67 1.85
CA ALA A 342 14.22 -6.20 0.91
C ALA A 342 14.42 -7.16 -0.28
N ARG A 343 14.47 -8.49 -0.02
CA ARG A 343 14.62 -9.51 -1.05
C ARG A 343 13.43 -9.49 -2.02
N LYS A 344 12.22 -9.27 -1.48
CA LYS A 344 11.00 -9.22 -2.24
C LYS A 344 10.87 -7.91 -3.06
N ILE A 345 11.22 -6.77 -2.47
CA ILE A 345 11.15 -5.44 -3.11
C ILE A 345 12.22 -5.29 -4.19
N TYR A 346 13.46 -5.74 -3.93
CA TYR A 346 14.57 -5.57 -4.86
C TYR A 346 14.67 -6.68 -5.91
N LYS A 347 14.53 -6.29 -7.19
CA LYS A 347 14.53 -7.13 -8.40
C LYS A 347 13.35 -8.12 -8.45
#